data_3UV6
#
_entry.id   3UV6
#
_cell.length_a   69.760
_cell.length_b   80.470
_cell.length_c   111.660
_cell.angle_alpha   90.00
_cell.angle_beta   90.00
_cell.angle_gamma   90.00
#
_symmetry.space_group_name_H-M   'P 21 21 21'
#
loop_
_entity.id
_entity.type
_entity.pdbx_description
1 polymer '4-hydroxy-3-methylbut-2-enyl diphosphate reductase'
2 non-polymer 'IRON/SULFUR CLUSTER'
3 non-polymer '4-hydroxybutyl trihydrogen diphosphate'
4 water water
#
_entity_poly.entity_id   1
_entity_poly.type   'polypeptide(L)'
_entity_poly.pdbx_seq_one_letter_code
;HHHHHHGSMQILLANPRGFCAGVDRAISIVENALAIYGAPIYVRHEVVHNRYVVDSLRERGAIFIEQISEVPDGAILIFS
AHGVSQAVRNEAKSRDLTVFDATCPLVTKVHMEVARASRRGEESILIGHAGHPEVEGTMGQYSNPEGGMYLVESPDDVWK
LTVKNEEKLSFMTQTTLSVDDTSDVIDALRKRFPKIVGPRKDDICYATTNRQEAVRALAEQAEVVLVVGSKNSSNSNRLA
ELAQRMGKRAFLIDDAKDIQEEWVKEVKCVGVTAGASAPDILVQNVVARLQQLGGGEAIPLEGREENIVFEVPKELRVDI
REVD
;
_entity_poly.pdbx_strand_id   A,B
#
loop_
_chem_comp.id
_chem_comp.type
_chem_comp.name
_chem_comp.formula
0CH non-polymer '4-hydroxybutyl trihydrogen diphosphate' 'C4 H12 O8 P2'
SF4 non-polymer 'IRON/SULFUR CLUSTER' 'Fe4 S4'
#
# COMPACT_ATOMS: atom_id res chain seq x y z
N MET A 9 36.28 -15.14 7.10
CA MET A 9 35.11 -14.38 7.65
C MET A 9 33.89 -14.52 6.73
N GLN A 10 32.74 -14.88 7.30
CA GLN A 10 31.52 -15.04 6.55
C GLN A 10 30.79 -13.65 6.44
N ILE A 11 30.29 -13.31 5.26
CA ILE A 11 29.54 -12.03 5.08
C ILE A 11 28.06 -12.42 4.80
N LEU A 12 27.13 -11.95 5.65
CA LEU A 12 25.68 -12.20 5.43
C LEU A 12 25.06 -10.87 5.00
N LEU A 13 24.09 -10.94 4.06
CA LEU A 13 23.31 -9.80 3.63
C LEU A 13 21.88 -9.91 4.12
N ALA A 14 21.38 -8.84 4.74
CA ALA A 14 20.01 -8.81 5.28
C ALA A 14 19.08 -8.77 4.10
N ASN A 15 17.91 -9.34 4.32
CA ASN A 15 16.87 -9.27 3.30
C ASN A 15 15.46 -9.16 3.86
N PRO A 16 14.71 -8.09 3.52
CA PRO A 16 15.08 -7.03 2.56
C PRO A 16 16.07 -6.02 3.10
N ARG A 17 16.68 -5.25 2.18
CA ARG A 17 17.55 -4.13 2.46
C ARG A 17 17.47 -3.13 1.32
N GLY A 18 17.93 -1.92 1.57
CA GLY A 18 18.12 -0.99 0.46
C GLY A 18 16.79 -0.42 -0.02
N PHE A 19 16.77 0.07 -1.25
CA PHE A 19 15.71 0.97 -1.71
C PHE A 19 14.32 0.43 -1.51
N CYS A 20 13.44 1.28 -0.99
CA CYS A 20 12.02 1.01 -0.94
C CYS A 20 11.37 1.63 -2.19
N ALA A 21 10.04 1.49 -2.28
CA ALA A 21 9.32 1.91 -3.46
C ALA A 21 9.25 3.41 -3.53
N GLY A 22 9.13 4.06 -2.35
CA GLY A 22 8.99 5.54 -2.38
C GLY A 22 10.27 6.19 -2.79
N VAL A 23 11.39 5.63 -2.33
CA VAL A 23 12.74 6.19 -2.65
C VAL A 23 13.01 6.01 -4.15
N ASP A 24 12.70 4.83 -4.70
CA ASP A 24 12.94 4.60 -6.15
C ASP A 24 12.12 5.58 -6.97
N ARG A 25 10.87 5.83 -6.57
CA ARG A 25 10.02 6.76 -7.27
C ARG A 25 10.59 8.18 -7.18
N ALA A 26 11.00 8.57 -5.98
CA ALA A 26 11.42 10.00 -5.77
C ALA A 26 12.70 10.27 -6.60
N ILE A 27 13.62 9.32 -6.64
CA ILE A 27 14.87 9.53 -7.40
C ILE A 27 14.52 9.60 -8.86
N SER A 28 13.61 8.71 -9.28
CA SER A 28 13.22 8.69 -10.72
C SER A 28 12.56 9.99 -11.11
N ILE A 29 11.81 10.60 -10.18
CA ILE A 29 11.15 11.88 -10.46
C ILE A 29 12.18 12.97 -10.76
N VAL A 30 13.28 13.02 -9.99
CA VAL A 30 14.30 14.05 -10.23
C VAL A 30 15.06 13.74 -11.53
N GLU A 31 15.49 12.50 -11.72
CA GLU A 31 16.23 12.12 -12.93
C GLU A 31 15.37 12.45 -14.16
N ASN A 32 14.11 12.10 -14.13
CA ASN A 32 13.26 12.29 -15.30
C ASN A 32 13.05 13.75 -15.56
N ALA A 33 12.87 14.52 -14.47
CA ALA A 33 12.81 16.00 -14.60
C ALA A 33 14.02 16.57 -15.29
N LEU A 34 15.21 16.15 -14.84
CA LEU A 34 16.44 16.59 -15.45
C LEU A 34 16.45 16.20 -16.95
N ALA A 35 16.03 14.97 -17.27
CA ALA A 35 16.08 14.44 -18.66
C ALA A 35 15.11 15.17 -19.58
N ILE A 36 13.95 15.50 -19.04
CA ILE A 36 12.91 16.18 -19.80
C ILE A 36 13.17 17.71 -19.97
N TYR A 37 13.58 18.40 -18.90
CA TYR A 37 13.67 19.86 -18.85
C TYR A 37 15.10 20.43 -18.81
N GLY A 38 16.09 19.58 -18.57
CA GLY A 38 17.46 20.02 -18.40
C GLY A 38 17.77 20.60 -17.03
N ALA A 39 19.04 20.82 -16.73
CA ALA A 39 19.45 21.55 -15.56
C ALA A 39 19.12 23.04 -15.74
N PRO A 40 18.85 23.75 -14.62
CA PRO A 40 18.77 23.19 -13.27
C PRO A 40 17.33 22.76 -12.93
N ILE A 41 17.22 21.78 -12.03
CA ILE A 41 15.97 21.37 -11.42
C ILE A 41 16.20 21.62 -9.92
N TYR A 42 15.30 22.35 -9.28
CA TYR A 42 15.48 22.63 -7.86
C TYR A 42 14.79 21.57 -7.05
N VAL A 43 15.35 21.20 -5.90
CA VAL A 43 14.72 20.19 -5.04
C VAL A 43 14.70 20.71 -3.60
N ARG A 44 13.51 20.75 -3.04
CA ARG A 44 13.36 21.20 -1.66
C ARG A 44 13.75 20.04 -0.70
N HIS A 45 14.88 20.22 0.00
CA HIS A 45 15.50 19.26 0.91
C HIS A 45 16.14 18.16 0.10
N GLU A 46 17.12 17.47 0.67
CA GLU A 46 17.68 16.23 0.06
C GLU A 46 16.52 15.32 -0.38
N VAL A 47 16.54 14.85 -1.63
CA VAL A 47 15.34 14.20 -2.18
C VAL A 47 15.06 12.95 -1.31
N VAL A 48 16.15 12.31 -0.87
CA VAL A 48 16.15 11.22 0.13
C VAL A 48 17.40 11.44 0.95
N HIS A 49 17.46 10.91 2.18
CA HIS A 49 18.65 11.21 3.02
C HIS A 49 19.78 10.25 2.71
N ASN A 50 20.39 10.44 1.54
CA ASN A 50 21.56 9.68 1.17
C ASN A 50 22.54 10.59 0.42
N ARG A 51 23.72 10.74 1.04
CA ARG A 51 24.77 11.62 0.53
C ARG A 51 25.16 11.22 -0.92
N TYR A 52 25.30 9.90 -1.20
CA TYR A 52 25.68 9.48 -2.60
C TYR A 52 24.60 9.83 -3.65
N VAL A 53 23.31 9.59 -3.31
CA VAL A 53 22.24 9.89 -4.21
C VAL A 53 22.18 11.39 -4.47
N VAL A 54 22.22 12.19 -3.40
CA VAL A 54 22.17 13.66 -3.48
C VAL A 54 23.41 14.20 -4.24
N ASP A 55 24.64 13.74 -3.91
CA ASP A 55 25.82 14.22 -4.67
C ASP A 55 25.71 13.87 -6.15
N SER A 56 25.10 12.72 -6.45
CA SER A 56 24.99 12.21 -7.82
C SER A 56 24.16 13.19 -8.59
N LEU A 57 23.03 13.53 -7.98
CA LEU A 57 22.03 14.32 -8.61
C LEU A 57 22.55 15.75 -8.72
N ARG A 58 23.30 16.21 -7.71
CA ARG A 58 23.90 17.53 -7.73
C ARG A 58 24.88 17.67 -8.91
N GLU A 59 25.69 16.64 -9.17
CA GLU A 59 26.67 16.70 -10.22
C GLU A 59 25.94 16.69 -11.59
N ARG A 60 24.70 16.21 -11.61
CA ARG A 60 23.90 16.26 -12.84
C ARG A 60 23.02 17.48 -12.95
N GLY A 61 23.10 18.41 -12.00
CA GLY A 61 22.41 19.70 -12.18
C GLY A 61 21.17 19.93 -11.32
N ALA A 62 20.83 18.97 -10.46
CA ALA A 62 19.88 19.25 -9.38
C ALA A 62 20.49 20.21 -8.35
N ILE A 63 19.69 21.17 -7.91
CA ILE A 63 20.10 22.09 -6.85
C ILE A 63 19.20 21.90 -5.65
N PHE A 64 19.80 21.47 -4.54
CA PHE A 64 19.08 21.22 -3.30
C PHE A 64 19.05 22.46 -2.38
N ILE A 65 17.86 22.89 -2.03
CA ILE A 65 17.64 24.05 -1.15
C ILE A 65 16.83 23.68 0.10
N GLU A 66 16.93 24.47 1.18
CA GLU A 66 16.10 24.23 2.35
C GLU A 66 14.80 25.03 2.28
N GLN A 67 14.94 26.25 1.82
CA GLN A 67 13.82 27.19 1.84
C GLN A 67 13.48 27.58 0.41
N ILE A 68 12.19 27.82 0.14
CA ILE A 68 11.67 28.16 -1.18
C ILE A 68 12.19 29.50 -1.66
N SER A 69 12.45 30.40 -0.72
CA SER A 69 13.05 31.68 -1.08
C SER A 69 14.47 31.54 -1.67
N GLU A 70 15.08 30.34 -1.64
CA GLU A 70 16.30 30.07 -2.41
C GLU A 70 16.07 29.74 -3.90
N VAL A 71 14.82 29.64 -4.35
CA VAL A 71 14.53 29.18 -5.72
C VAL A 71 14.11 30.37 -6.55
N PRO A 72 14.73 30.54 -7.74
CA PRO A 72 14.34 31.63 -8.65
C PRO A 72 12.93 31.49 -9.19
N ASP A 73 12.33 32.63 -9.55
CA ASP A 73 10.99 32.64 -10.20
C ASP A 73 11.04 31.81 -11.47
N GLY A 74 9.97 31.06 -11.72
CA GLY A 74 9.78 30.31 -12.98
C GLY A 74 10.53 28.97 -13.04
N ALA A 75 11.16 28.59 -11.93
CA ALA A 75 11.97 27.37 -11.91
C ALA A 75 11.06 26.17 -11.77
N ILE A 76 11.64 24.99 -11.92
CA ILE A 76 11.00 23.70 -11.60
C ILE A 76 11.51 23.30 -10.25
N LEU A 77 10.56 22.97 -9.37
CA LEU A 77 10.85 22.65 -7.93
C LEU A 77 10.24 21.29 -7.67
N ILE A 78 10.99 20.38 -7.08
CA ILE A 78 10.46 19.05 -6.68
C ILE A 78 10.43 19.01 -5.13
N PHE A 79 9.36 18.53 -4.51
CA PHE A 79 9.36 18.38 -3.04
C PHE A 79 9.96 17.02 -2.76
N SER A 80 10.80 16.87 -1.71
CA SER A 80 11.46 15.60 -1.42
C SER A 80 10.47 14.55 -0.96
N ALA A 81 10.91 13.28 -0.94
CA ALA A 81 10.01 12.13 -0.58
C ALA A 81 9.45 12.25 0.83
N HIS A 82 10.15 13.01 1.70
CA HIS A 82 9.66 13.25 3.10
C HIS A 82 8.39 14.02 3.23
N GLY A 83 8.05 14.83 2.23
CA GLY A 83 6.83 15.63 2.20
C GLY A 83 7.07 17.03 2.70
N VAL A 84 6.05 17.89 2.55
CA VAL A 84 6.19 19.33 2.91
C VAL A 84 4.92 19.78 3.52
N SER A 85 5.01 20.91 4.23
CA SER A 85 3.85 21.46 4.93
C SER A 85 2.93 22.19 3.92
N GLN A 86 1.70 22.44 4.34
CA GLN A 86 0.81 23.26 3.56
C GLN A 86 1.44 24.62 3.29
N ALA A 87 2.13 25.17 4.29
CA ALA A 87 2.77 26.49 4.14
C ALA A 87 3.82 26.51 3.04
N VAL A 88 4.65 25.47 2.99
CA VAL A 88 5.66 25.34 1.94
C VAL A 88 4.98 25.24 0.57
N ARG A 89 3.90 24.47 0.51
CA ARG A 89 3.18 24.21 -0.71
C ARG A 89 2.51 25.47 -1.22
N ASN A 90 1.86 26.22 -0.33
CA ASN A 90 1.32 27.57 -0.66
C ASN A 90 2.42 28.58 -1.05
N GLU A 91 3.50 28.62 -0.28
CA GLU A 91 4.62 29.45 -0.65
C GLU A 91 5.12 29.15 -2.06
N ALA A 92 5.24 27.87 -2.44
CA ALA A 92 5.60 27.47 -3.83
C ALA A 92 4.43 27.81 -4.80
N LYS A 93 3.19 27.51 -4.38
CA LYS A 93 1.97 27.59 -5.24
C LYS A 93 1.62 28.99 -5.71
N SER A 94 1.81 29.96 -4.82
CA SER A 94 1.46 31.35 -5.11
C SER A 94 2.73 32.02 -5.61
N ARG A 95 3.68 31.18 -6.00
CA ARG A 95 4.89 31.59 -6.69
C ARG A 95 4.96 30.98 -8.10
N ASP A 96 6.00 31.48 -8.86
CA ASP A 96 6.02 31.27 -10.30
C ASP A 96 6.37 29.82 -10.68
N LEU A 97 6.45 28.94 -9.67
CA LEU A 97 7.18 27.67 -9.77
C LEU A 97 6.38 26.53 -10.39
N THR A 98 7.00 25.75 -11.28
CA THR A 98 6.42 24.44 -11.71
C THR A 98 6.82 23.40 -10.67
N VAL A 99 5.84 22.75 -10.08
CA VAL A 99 6.11 21.86 -8.96
C VAL A 99 5.78 20.42 -9.34
N PHE A 100 6.71 19.50 -9.05
CA PHE A 100 6.40 18.07 -8.99
C PHE A 100 6.62 17.59 -7.57
N ASP A 101 5.74 16.71 -7.13
CA ASP A 101 5.78 16.27 -5.75
C ASP A 101 6.32 14.83 -5.66
N ALA A 102 7.51 14.65 -5.10
CA ALA A 102 8.05 13.31 -4.89
C ALA A 102 7.68 12.72 -3.55
N THR A 103 6.74 13.36 -2.79
CA THR A 103 6.35 12.84 -1.42
C THR A 103 5.94 11.37 -1.58
N CYS A 104 6.45 10.49 -0.72
CA CYS A 104 6.05 9.11 -0.85
C CYS A 104 4.55 8.96 -0.63
N PRO A 105 3.86 8.13 -1.44
CA PRO A 105 2.40 7.89 -1.23
C PRO A 105 2.09 7.51 0.23
N LEU A 106 3.02 6.83 0.91
CA LEU A 106 2.73 6.36 2.30
C LEU A 106 2.83 7.47 3.34
N VAL A 107 3.55 8.54 3.01
CA VAL A 107 3.59 9.76 3.80
C VAL A 107 2.33 10.58 3.48
N THR A 108 2.00 10.74 2.19
CA THR A 108 0.75 11.41 1.83
C THR A 108 -0.46 10.76 2.54
N LYS A 109 -0.48 9.41 2.71
CA LYS A 109 -1.63 8.78 3.40
C LYS A 109 -1.80 9.41 4.83
N VAL A 110 -0.66 9.62 5.52
CA VAL A 110 -0.72 10.15 6.86
C VAL A 110 -1.17 11.62 6.82
N HIS A 111 -0.70 12.35 5.80
CA HIS A 111 -1.07 13.76 5.66
C HIS A 111 -2.59 13.86 5.53
N MET A 112 -3.21 12.95 4.76
CA MET A 112 -4.67 13.04 4.52
C MET A 112 -5.44 12.87 5.81
N GLU A 113 -4.95 11.99 6.70
CA GLU A 113 -5.57 11.87 8.04
C GLU A 113 -5.46 13.13 8.91
N VAL A 114 -4.30 13.77 8.87
CA VAL A 114 -4.09 14.97 9.70
C VAL A 114 -5.01 16.04 9.15
N ALA A 115 -5.10 16.13 7.82
CA ALA A 115 -5.96 17.14 7.16
C ALA A 115 -7.41 16.94 7.57
N ARG A 116 -7.85 15.67 7.61
CA ARG A 116 -9.25 15.40 8.01
C ARG A 116 -9.49 15.84 9.45
N ALA A 117 -8.54 15.52 10.34
CA ALA A 117 -8.64 15.93 11.76
C ALA A 117 -8.67 17.46 11.93
N SER A 118 -7.82 18.14 11.16
CA SER A 118 -7.82 19.58 11.12
C SER A 118 -9.20 20.16 10.69
N ARG A 119 -9.83 19.59 9.65
CA ARG A 119 -11.15 20.08 9.19
C ARG A 119 -12.29 19.89 10.19
N ARG A 120 -12.21 18.84 10.99
CA ARG A 120 -13.23 18.52 11.97
C ARG A 120 -12.97 19.33 13.22
N GLY A 121 -11.88 20.09 13.24
CA GLY A 121 -11.40 20.79 14.43
C GLY A 121 -11.05 19.92 15.65
N GLU A 122 -10.64 18.67 15.41
CA GLU A 122 -10.33 17.71 16.47
C GLU A 122 -8.84 17.52 16.62
N GLU A 123 -8.38 17.41 17.87
CA GLU A 123 -6.92 17.37 18.18
C GLU A 123 -6.26 16.13 17.69
N SER A 124 -5.02 16.28 17.26
CA SER A 124 -4.20 15.14 16.79
C SER A 124 -2.84 15.10 17.48
N ILE A 125 -2.29 13.89 17.68
CA ILE A 125 -0.97 13.75 18.28
C ILE A 125 -0.14 12.99 17.21
N LEU A 126 1.00 13.53 16.86
CA LEU A 126 1.94 12.83 16.02
C LEU A 126 3.06 12.23 16.86
N ILE A 127 3.41 10.94 16.61
CA ILE A 127 4.59 10.31 17.21
C ILE A 127 5.71 10.42 16.17
N GLY A 128 6.81 11.11 16.51
CA GLY A 128 7.82 11.35 15.49
C GLY A 128 8.99 12.05 16.13
N HIS A 129 10.03 12.28 15.35
CA HIS A 129 11.26 12.86 15.92
C HIS A 129 11.29 14.34 15.58
N ALA A 130 11.40 15.21 16.61
CA ALA A 130 11.45 16.70 16.42
C ALA A 130 12.50 17.08 15.40
N GLY A 131 12.15 17.96 14.44
CA GLY A 131 13.17 18.52 13.52
C GLY A 131 13.27 17.69 12.26
N HIS A 132 12.68 16.49 12.24
CA HIS A 132 12.79 15.66 11.03
C HIS A 132 11.87 16.22 9.96
N PRO A 133 12.28 16.24 8.67
CA PRO A 133 11.46 16.92 7.67
C PRO A 133 10.09 16.28 7.53
N GLU A 134 9.96 14.95 7.74
CA GLU A 134 8.63 14.33 7.57
C GLU A 134 7.71 14.88 8.69
N VAL A 135 8.27 15.03 9.89
CA VAL A 135 7.50 15.59 11.00
C VAL A 135 7.03 17.03 10.69
N GLU A 136 7.94 17.86 10.17
CA GLU A 136 7.55 19.25 9.75
C GLU A 136 6.41 19.24 8.74
N GLY A 137 6.52 18.35 7.73
CA GLY A 137 5.49 18.23 6.73
C GLY A 137 4.16 17.74 7.26
N THR A 138 4.17 16.74 8.15
CA THR A 138 2.95 16.18 8.64
C THR A 138 2.28 17.12 9.65
N MET A 139 3.04 17.65 10.65
CA MET A 139 2.49 18.67 11.61
C MET A 139 1.91 19.80 10.76
N GLY A 140 2.59 20.08 9.66
CA GLY A 140 2.24 21.20 8.78
C GLY A 140 0.99 20.99 7.96
N GLN A 141 0.31 19.84 8.13
CA GLN A 141 -1.00 19.66 7.47
C GLN A 141 -2.10 20.12 8.40
N TYR A 142 -1.77 20.44 9.63
CA TYR A 142 -2.84 20.79 10.57
C TYR A 142 -2.92 22.29 10.68
N SER A 143 -4.09 22.90 10.43
CA SER A 143 -4.14 24.37 10.47
C SER A 143 -5.27 24.97 11.31
N ASN A 144 -6.15 24.14 11.84
CA ASN A 144 -7.36 24.62 12.49
C ASN A 144 -7.01 25.07 13.93
N PRO A 145 -7.07 26.40 14.23
CA PRO A 145 -6.69 26.93 15.56
C PRO A 145 -7.58 26.45 16.68
N GLU A 146 -8.75 25.94 16.32
CA GLU A 146 -9.74 25.43 17.26
C GLU A 146 -9.33 24.08 17.83
N GLY A 147 -8.56 23.33 17.03
CA GLY A 147 -8.04 22.06 17.47
C GLY A 147 -6.64 22.18 18.05
N GLY A 148 -5.77 21.27 17.65
CA GLY A 148 -4.41 21.34 18.13
C GLY A 148 -3.67 20.21 17.49
N MET A 149 -2.36 20.37 17.37
CA MET A 149 -1.48 19.29 16.83
C MET A 149 -0.21 19.22 17.67
N TYR A 150 0.04 18.08 18.26
CA TYR A 150 1.06 17.95 19.30
C TYR A 150 2.04 16.88 18.86
N LEU A 151 3.31 17.08 19.14
CA LEU A 151 4.28 16.06 18.82
C LEU A 151 4.73 15.35 20.10
N VAL A 152 4.78 13.99 20.06
CA VAL A 152 5.40 13.25 21.16
C VAL A 152 6.47 12.30 20.62
N GLU A 153 7.55 12.12 21.38
CA GLU A 153 8.67 11.26 20.94
C GLU A 153 8.79 10.03 21.80
N SER A 154 8.25 10.08 23.01
CA SER A 154 8.56 9.02 24.02
C SER A 154 7.37 8.92 24.94
N PRO A 155 7.28 7.83 25.74
CA PRO A 155 6.26 7.81 26.77
C PRO A 155 6.35 9.02 27.69
N ASP A 156 7.55 9.48 28.06
CA ASP A 156 7.64 10.60 28.98
C ASP A 156 6.87 11.80 28.39
N ASP A 157 6.98 11.99 27.08
CA ASP A 157 6.30 13.11 26.43
C ASP A 157 4.79 12.98 26.54
N VAL A 158 4.28 11.75 26.44
CA VAL A 158 2.86 11.46 26.56
C VAL A 158 2.46 11.79 28.01
N TRP A 159 3.32 11.41 28.98
CA TRP A 159 2.95 11.58 30.42
C TRP A 159 2.83 13.06 30.77
N LYS A 160 3.46 13.94 29.98
CA LYS A 160 3.28 15.36 30.32
C LYS A 160 2.34 16.16 29.42
N LEU A 161 1.74 15.51 28.43
CA LEU A 161 0.90 16.22 27.47
C LEU A 161 -0.48 16.52 28.07
N THR A 162 -0.96 17.75 27.89
CA THR A 162 -2.35 18.07 28.27
C THR A 162 -3.00 18.53 26.97
N VAL A 163 -4.24 18.11 26.74
CA VAL A 163 -4.95 18.46 25.51
C VAL A 163 -6.28 19.11 25.90
N LYS A 164 -6.95 19.74 24.93
CA LYS A 164 -8.18 20.49 25.17
C LYS A 164 -9.43 19.65 25.32
N ASN A 165 -9.53 18.61 24.50
CA ASN A 165 -10.66 17.68 24.56
C ASN A 165 -10.22 16.25 24.28
N GLU A 166 -10.00 15.46 25.34
CA GLU A 166 -9.47 14.14 25.08
C GLU A 166 -10.54 13.13 24.63
N GLU A 167 -11.80 13.56 24.55
CA GLU A 167 -12.88 12.70 24.04
C GLU A 167 -12.80 12.65 22.50
N LYS A 168 -12.15 13.67 21.91
CA LYS A 168 -12.01 13.84 20.44
C LYS A 168 -10.54 13.99 20.05
N LEU A 169 -9.87 12.85 19.93
CA LEU A 169 -8.41 12.83 19.87
C LEU A 169 -7.94 11.70 18.99
N SER A 170 -7.02 11.99 18.09
CA SER A 170 -6.51 10.94 17.24
C SER A 170 -4.98 11.00 17.21
N PHE A 171 -4.36 9.91 16.79
CA PHE A 171 -2.91 9.88 16.66
C PHE A 171 -2.48 9.34 15.29
N MET A 172 -1.25 9.70 14.93
CA MET A 172 -0.65 9.34 13.62
C MET A 172 0.83 9.15 13.91
N THR A 173 1.59 8.51 13.01
CA THR A 173 3.04 8.37 13.29
C THR A 173 3.84 8.74 12.06
N GLN A 174 5.13 9.07 12.32
CA GLN A 174 6.11 9.14 11.27
C GLN A 174 6.31 7.73 10.71
N THR A 175 6.64 7.64 9.43
CA THR A 175 6.72 6.32 8.80
C THR A 175 8.01 5.56 9.03
N THR A 176 9.05 6.27 9.47
CA THR A 176 10.42 5.68 9.54
C THR A 176 10.94 5.55 10.95
N LEU A 177 10.03 5.24 11.88
CA LEU A 177 10.41 5.04 13.30
C LEU A 177 10.79 3.59 13.61
N SER A 178 11.38 3.42 14.80
CA SER A 178 11.46 2.10 15.46
C SER A 178 10.05 1.53 15.73
N VAL A 179 9.75 0.35 15.19
CA VAL A 179 8.48 -0.33 15.47
C VAL A 179 8.32 -0.56 16.99
N ASP A 180 9.38 -1.07 17.64
CA ASP A 180 9.30 -1.38 19.10
C ASP A 180 9.12 -0.11 19.95
N ASP A 181 9.92 0.93 19.70
CA ASP A 181 9.80 2.18 20.53
C ASP A 181 8.45 2.82 20.30
N THR A 182 7.96 2.77 19.05
CA THR A 182 6.65 3.39 18.73
C THR A 182 5.51 2.67 19.44
N SER A 183 5.66 1.35 19.56
CA SER A 183 4.65 0.52 20.24
C SER A 183 4.55 0.96 21.67
N ASP A 184 5.69 1.30 22.29
CA ASP A 184 5.67 1.76 23.71
C ASP A 184 5.00 3.14 23.87
N VAL A 185 5.16 4.02 22.88
CA VAL A 185 4.51 5.33 22.91
C VAL A 185 3.00 5.15 22.73
N ILE A 186 2.62 4.27 21.82
CA ILE A 186 1.19 4.04 21.60
C ILE A 186 0.54 3.41 22.85
N ASP A 187 1.22 2.45 23.47
CA ASP A 187 0.73 1.90 24.78
C ASP A 187 0.48 3.05 25.79
N ALA A 188 1.41 3.98 25.90
CA ALA A 188 1.25 5.15 26.80
C ALA A 188 0.07 6.02 26.42
N LEU A 189 -0.04 6.34 25.13
CA LEU A 189 -1.17 7.18 24.59
C LEU A 189 -2.52 6.52 24.94
N ARG A 190 -2.64 5.23 24.70
CA ARG A 190 -3.92 4.57 25.04
C ARG A 190 -4.27 4.51 26.52
N LYS A 191 -3.27 4.45 27.36
CA LYS A 191 -3.49 4.43 28.81
C LYS A 191 -3.85 5.82 29.29
N ARG A 192 -3.19 6.85 28.72
CA ARG A 192 -3.43 8.24 29.13
C ARG A 192 -4.76 8.74 28.59
N PHE A 193 -5.07 8.31 27.35
CA PHE A 193 -6.21 8.86 26.60
C PHE A 193 -7.04 7.70 26.04
N PRO A 194 -7.85 7.09 26.89
CA PRO A 194 -8.48 5.85 26.49
C PRO A 194 -9.45 5.99 25.29
N LYS A 195 -9.93 7.20 24.98
CA LYS A 195 -10.78 7.40 23.79
C LYS A 195 -10.02 7.70 22.48
N ILE A 196 -8.71 7.75 22.54
CA ILE A 196 -7.91 8.13 21.38
C ILE A 196 -8.13 7.15 20.20
N VAL A 197 -8.18 7.71 19.00
CA VAL A 197 -8.44 6.97 17.76
C VAL A 197 -7.16 6.91 16.92
N GLY A 198 -6.85 5.78 16.31
CA GLY A 198 -5.65 5.73 15.44
C GLY A 198 -5.74 4.56 14.51
N PRO A 199 -4.62 4.25 13.85
CA PRO A 199 -4.53 3.08 12.99
C PRO A 199 -4.50 1.85 13.92
N ARG A 200 -4.67 0.64 13.36
CA ARG A 200 -4.58 -0.56 14.21
C ARG A 200 -3.29 -0.60 15.06
N LYS A 201 -2.17 -0.23 14.46
CA LYS A 201 -0.84 -0.44 15.07
C LYS A 201 -0.12 0.91 14.97
N ASP A 202 0.30 1.31 13.79
CA ASP A 202 1.00 2.60 13.65
C ASP A 202 0.92 3.00 12.17
N ASP A 203 1.57 4.11 11.78
CA ASP A 203 1.75 4.47 10.37
C ASP A 203 3.14 4.15 9.85
N ILE A 204 3.90 3.32 10.57
CA ILE A 204 5.23 2.83 10.12
C ILE A 204 5.05 2.09 8.79
N CYS A 205 5.86 2.40 7.79
CA CYS A 205 5.59 1.83 6.46
C CYS A 205 6.12 0.40 6.36
N TYR A 206 5.67 -0.30 5.33
CA TYR A 206 6.10 -1.73 5.08
C TYR A 206 7.62 -1.82 5.03
N ALA A 207 8.28 -0.85 4.39
CA ALA A 207 9.71 -0.93 4.12
C ALA A 207 10.43 -0.81 5.44
N THR A 208 9.96 0.10 6.32
CA THR A 208 10.65 0.29 7.68
C THR A 208 10.46 -0.98 8.53
N THR A 209 9.22 -1.43 8.57
CA THR A 209 8.91 -2.64 9.36
C THR A 209 9.74 -3.83 8.85
N ASN A 210 9.81 -3.96 7.54
CA ASN A 210 10.46 -5.14 6.93
C ASN A 210 11.97 -5.08 7.15
N ARG A 211 12.56 -3.91 7.01
CA ARG A 211 14.04 -3.85 7.24
C ARG A 211 14.42 -4.05 8.67
N GLN A 212 13.57 -3.62 9.62
CA GLN A 212 13.88 -3.88 11.04
C GLN A 212 13.73 -5.36 11.34
N GLU A 213 12.71 -6.02 10.78
CA GLU A 213 12.57 -7.51 10.96
C GLU A 213 13.79 -8.20 10.35
N ALA A 214 14.25 -7.72 9.19
CA ALA A 214 15.41 -8.35 8.52
C ALA A 214 16.70 -8.15 9.31
N VAL A 215 16.90 -6.94 9.89
CA VAL A 215 18.13 -6.69 10.66
C VAL A 215 18.12 -7.47 11.96
N ARG A 216 16.92 -7.69 12.57
CA ARG A 216 16.87 -8.56 13.74
C ARG A 216 17.41 -9.97 13.40
N ALA A 217 16.96 -10.53 12.28
CA ALA A 217 17.41 -11.87 11.89
C ALA A 217 18.91 -11.89 11.57
N LEU A 218 19.39 -10.84 10.92
CA LEU A 218 20.83 -10.67 10.62
C LEU A 218 21.67 -10.63 11.90
N ALA A 219 21.22 -9.83 12.87
CA ALA A 219 21.98 -9.63 14.09
C ALA A 219 22.02 -10.91 14.95
N GLU A 220 21.05 -11.76 14.75
CA GLU A 220 20.98 -13.01 15.49
C GLU A 220 22.14 -13.89 15.03
N GLN A 221 22.65 -13.64 13.83
CA GLN A 221 23.69 -14.51 13.22
C GLN A 221 25.09 -13.87 13.23
N ALA A 222 25.10 -12.57 13.03
CA ALA A 222 26.33 -11.79 12.88
C ALA A 222 26.83 -11.19 14.18
N GLU A 223 28.15 -11.14 14.30
CA GLU A 223 28.83 -10.52 15.45
C GLU A 223 28.88 -8.98 15.31
N VAL A 224 29.02 -8.49 14.07
CA VAL A 224 29.13 -7.07 13.78
C VAL A 224 28.18 -6.81 12.64
N VAL A 225 27.46 -5.69 12.66
CA VAL A 225 26.51 -5.35 11.60
C VAL A 225 26.91 -3.99 11.01
N LEU A 226 27.08 -3.92 9.69
CA LEU A 226 27.30 -2.63 9.00
C LEU A 226 25.98 -2.23 8.36
N VAL A 227 25.54 -1.01 8.60
CA VAL A 227 24.29 -0.54 7.96
C VAL A 227 24.71 0.57 7.01
N VAL A 228 24.46 0.37 5.70
CA VAL A 228 24.80 1.40 4.75
C VAL A 228 23.68 2.45 4.72
N GLY A 229 24.04 3.69 4.99
CA GLY A 229 23.04 4.77 5.03
C GLY A 229 23.72 6.01 5.61
N SER A 230 23.11 7.16 5.37
CA SER A 230 23.69 8.45 5.83
C SER A 230 23.28 8.78 7.23
N LYS A 231 24.01 9.69 7.89
CA LYS A 231 23.75 10.01 9.31
C LYS A 231 22.41 10.60 9.58
N ASN A 232 21.83 11.25 8.56
CA ASN A 232 20.56 11.93 8.77
C ASN A 232 19.43 11.07 8.29
N SER A 233 19.69 9.81 8.03
CA SER A 233 18.54 8.95 7.61
C SER A 233 17.94 8.24 8.87
N SER A 234 16.72 8.60 9.24
CA SER A 234 16.08 8.04 10.40
C SER A 234 16.01 6.53 10.28
N ASN A 235 15.47 6.02 9.17
CA ASN A 235 15.26 4.55 9.13
C ASN A 235 16.64 3.83 9.21
N SER A 236 17.67 4.38 8.58
CA SER A 236 18.99 3.71 8.61
C SER A 236 19.52 3.67 10.07
N ASN A 237 19.32 4.77 10.80
CA ASN A 237 19.80 4.84 12.20
C ASN A 237 18.98 3.82 13.03
N ARG A 238 17.69 3.58 12.70
CA ARG A 238 16.90 2.64 13.50
C ARG A 238 17.46 1.23 13.26
N LEU A 239 18.00 0.94 12.07
CA LEU A 239 18.54 -0.43 11.86
C LEU A 239 19.80 -0.64 12.72
N ALA A 240 20.68 0.34 12.73
CA ALA A 240 21.89 0.25 13.56
C ALA A 240 21.55 0.10 15.04
N GLU A 241 20.63 0.95 15.50
CA GLU A 241 20.20 0.95 16.89
C GLU A 241 19.65 -0.43 17.27
N LEU A 242 18.80 -1.03 16.42
CA LEU A 242 18.23 -2.30 16.69
C LEU A 242 19.31 -3.36 16.92
N ALA A 243 20.33 -3.43 16.05
CA ALA A 243 21.42 -4.41 16.22
C ALA A 243 22.24 -4.12 17.47
N GLN A 244 22.43 -2.83 17.75
CA GLN A 244 23.17 -2.46 18.99
C GLN A 244 22.46 -2.94 20.26
N ARG A 245 21.13 -2.81 20.30
CA ARG A 245 20.35 -3.17 21.47
C ARG A 245 20.30 -4.72 21.60
N MET A 246 20.70 -5.43 20.53
CA MET A 246 20.75 -6.88 20.60
C MET A 246 22.16 -7.25 21.03
N GLY A 247 23.02 -6.24 21.26
CA GLY A 247 24.37 -6.54 21.82
C GLY A 247 25.45 -6.75 20.76
N LYS A 248 25.16 -6.39 19.50
CA LYS A 248 26.15 -6.56 18.43
C LYS A 248 26.80 -5.17 18.19
N ARG A 249 28.06 -5.09 17.87
CA ARG A 249 28.60 -3.77 17.49
C ARG A 249 27.98 -3.46 16.12
N ALA A 250 27.43 -2.25 15.95
CA ALA A 250 26.80 -1.93 14.66
C ALA A 250 27.28 -0.56 14.29
N PHE A 251 27.57 -0.34 13.01
CA PHE A 251 28.06 0.95 12.51
C PHE A 251 27.20 1.40 11.34
N LEU A 252 26.89 2.67 11.36
CA LEU A 252 26.18 3.32 10.23
C LEU A 252 27.24 3.95 9.32
N ILE A 253 27.31 3.53 8.05
CA ILE A 253 28.37 3.97 7.16
C ILE A 253 27.81 4.44 5.85
N ASP A 254 28.46 5.44 5.28
CA ASP A 254 28.03 5.96 3.99
C ASP A 254 28.54 5.14 2.87
N ASP A 255 29.77 4.63 3.03
CA ASP A 255 30.40 3.81 2.03
C ASP A 255 31.59 3.02 2.52
N ALA A 256 32.20 2.30 1.60
CA ALA A 256 33.21 1.35 2.00
C ALA A 256 34.45 1.97 2.67
N LYS A 257 34.76 3.20 2.31
CA LYS A 257 35.89 3.95 2.86
C LYS A 257 35.80 4.13 4.36
N ASP A 258 34.57 4.08 4.89
CA ASP A 258 34.31 4.33 6.31
C ASP A 258 34.66 3.11 7.17
N ILE A 259 34.77 1.89 6.56
CA ILE A 259 35.05 0.67 7.33
C ILE A 259 36.44 0.71 7.95
N GLN A 260 36.49 0.59 9.29
CA GLN A 260 37.74 0.57 10.01
C GLN A 260 38.10 -0.90 10.21
N GLU A 261 39.34 -1.25 9.88
CA GLU A 261 39.78 -2.62 9.93
C GLU A 261 39.54 -3.27 11.32
N GLU A 262 39.67 -2.46 12.37
CA GLU A 262 39.52 -2.99 13.75
C GLU A 262 38.09 -3.55 13.95
N TRP A 263 37.15 -3.03 13.17
CA TRP A 263 35.74 -3.37 13.45
C TRP A 263 35.54 -4.81 13.09
N VAL A 264 36.28 -5.29 12.12
CA VAL A 264 36.11 -6.71 11.71
C VAL A 264 37.30 -7.65 11.99
N LYS A 265 38.34 -7.16 12.63
CA LYS A 265 39.49 -8.02 12.95
C LYS A 265 39.04 -9.24 13.77
N GLU A 266 39.37 -10.45 13.34
CA GLU A 266 39.04 -11.59 14.21
C GLU A 266 37.54 -11.87 14.28
N VAL A 267 36.75 -11.23 13.41
CA VAL A 267 35.31 -11.43 13.41
C VAL A 267 35.01 -12.60 12.50
N LYS A 268 34.22 -13.57 12.98
CA LYS A 268 33.90 -14.71 12.12
C LYS A 268 32.62 -14.51 11.25
N CYS A 269 31.72 -13.62 11.63
CA CYS A 269 30.52 -13.40 10.80
C CYS A 269 30.19 -11.93 10.85
N VAL A 270 30.21 -11.26 9.67
CA VAL A 270 29.84 -9.82 9.59
C VAL A 270 28.55 -9.75 8.79
N GLY A 271 27.61 -8.92 9.22
CA GLY A 271 26.32 -8.74 8.50
C GLY A 271 26.27 -7.37 7.88
N VAL A 272 25.61 -7.23 6.70
CA VAL A 272 25.50 -5.93 6.04
C VAL A 272 24.04 -5.73 5.71
N THR A 273 23.51 -4.53 6.00
CA THR A 273 22.21 -4.20 5.51
C THR A 273 22.33 -2.77 4.99
N ALA A 274 21.20 -2.20 4.52
CA ALA A 274 21.19 -0.86 3.97
C ALA A 274 19.80 -0.31 4.25
N GLY A 275 19.79 0.96 4.59
CA GLY A 275 18.56 1.71 4.80
C GLY A 275 17.81 1.88 3.48
N ALA A 276 16.56 2.34 3.61
CA ALA A 276 15.64 2.46 2.46
C ALA A 276 16.08 3.51 1.42
N SER A 277 17.03 4.40 1.80
CA SER A 277 17.52 5.47 0.95
C SER A 277 18.92 5.17 0.35
N ALA A 278 19.47 3.97 0.61
CA ALA A 278 20.83 3.62 0.18
C ALA A 278 20.88 2.76 -1.07
N PRO A 279 21.54 3.25 -2.15
CA PRO A 279 21.62 2.45 -3.38
C PRO A 279 22.43 1.21 -3.28
N ASP A 280 22.05 0.21 -4.06
CA ASP A 280 22.73 -1.09 -4.04
C ASP A 280 24.22 -1.00 -4.39
N ILE A 281 24.60 -0.08 -5.25
CA ILE A 281 26.04 0.01 -5.58
C ILE A 281 26.91 0.27 -4.32
N LEU A 282 26.39 1.02 -3.35
CA LEU A 282 27.13 1.19 -2.09
C LEU A 282 27.32 -0.11 -1.34
N VAL A 283 26.30 -0.94 -1.28
CA VAL A 283 26.40 -2.26 -0.60
C VAL A 283 27.41 -3.12 -1.36
N GLN A 284 27.36 -3.08 -2.71
CA GLN A 284 28.33 -3.85 -3.51
C GLN A 284 29.76 -3.47 -3.18
N ASN A 285 30.01 -2.17 -3.02
CA ASN A 285 31.37 -1.73 -2.69
C ASN A 285 31.76 -2.07 -1.27
N VAL A 286 30.79 -2.01 -0.34
CA VAL A 286 31.06 -2.46 1.00
C VAL A 286 31.43 -3.96 1.04
N VAL A 287 30.69 -4.76 0.31
CA VAL A 287 31.02 -6.18 0.23
C VAL A 287 32.43 -6.39 -0.38
N ALA A 288 32.77 -5.64 -1.43
CA ALA A 288 34.10 -5.79 -2.02
C ALA A 288 35.18 -5.43 -0.99
N ARG A 289 34.96 -4.41 -0.17
CA ARG A 289 35.96 -4.05 0.85
C ARG A 289 36.03 -5.13 1.92
N LEU A 290 34.89 -5.66 2.39
CA LEU A 290 34.96 -6.75 3.40
C LEU A 290 35.72 -8.00 2.87
N GLN A 291 35.57 -8.28 1.56
CA GLN A 291 36.31 -9.32 0.91
C GLN A 291 37.82 -9.05 0.96
N GLN A 292 38.24 -7.82 0.76
CA GLN A 292 39.68 -7.47 0.91
C GLN A 292 40.14 -7.69 2.34
N LEU A 293 39.22 -7.54 3.30
CA LEU A 293 39.55 -7.70 4.70
C LEU A 293 39.32 -9.15 5.15
N GLY A 294 39.20 -10.06 4.20
CA GLY A 294 39.16 -11.49 4.50
C GLY A 294 37.83 -12.17 4.36
N GLY A 295 36.77 -11.43 4.08
CA GLY A 295 35.47 -12.05 3.84
C GLY A 295 35.37 -12.91 2.58
N GLY A 296 34.45 -13.88 2.62
CA GLY A 296 34.21 -14.76 1.46
C GLY A 296 33.04 -14.28 0.60
N GLU A 297 32.42 -15.17 -0.18
CA GLU A 297 31.21 -14.77 -0.97
C GLU A 297 30.08 -14.27 -0.06
N ALA A 298 29.37 -13.22 -0.47
CA ALA A 298 28.30 -12.65 0.38
C ALA A 298 27.12 -13.56 0.31
N ILE A 299 26.57 -13.95 1.46
CA ILE A 299 25.41 -14.87 1.47
C ILE A 299 24.15 -14.08 1.82
N PRO A 300 23.22 -13.94 0.86
CA PRO A 300 21.94 -13.26 1.18
C PRO A 300 21.08 -14.16 2.13
N LEU A 301 20.55 -13.61 3.22
CA LEU A 301 19.61 -14.39 4.03
C LEU A 301 18.25 -14.47 3.28
N GLU A 302 17.46 -15.49 3.64
CA GLU A 302 16.07 -15.63 3.19
C GLU A 302 15.31 -14.51 3.83
N GLY A 303 14.40 -13.88 3.10
CA GLY A 303 13.69 -12.71 3.65
C GLY A 303 12.28 -12.62 3.12
N ARG A 304 11.46 -11.83 3.80
CA ARG A 304 10.11 -11.51 3.36
C ARG A 304 10.19 -10.84 1.99
N GLU A 305 9.36 -11.32 1.07
CA GLU A 305 9.31 -10.79 -0.29
C GLU A 305 8.71 -9.40 -0.25
N GLU A 306 9.28 -8.48 -1.04
CA GLU A 306 8.65 -7.14 -1.26
C GLU A 306 8.23 -7.09 -2.70
N ASN A 307 7.01 -6.59 -2.98
CA ASN A 307 6.56 -6.57 -4.38
C ASN A 307 5.98 -5.19 -4.81
N ILE A 308 6.03 -4.17 -3.93
CA ILE A 308 5.35 -2.89 -4.21
C ILE A 308 6.27 -1.99 -5.06
N VAL A 309 5.70 -1.39 -6.11
CA VAL A 309 6.34 -0.38 -6.88
C VAL A 309 5.42 0.84 -6.89
N PHE A 310 5.98 2.05 -6.83
CA PHE A 310 5.15 3.26 -7.03
C PHE A 310 5.63 3.97 -8.29
N GLU A 311 4.74 4.19 -9.25
CA GLU A 311 5.17 4.72 -10.57
C GLU A 311 5.39 6.24 -10.48
N VAL A 312 6.23 6.80 -11.34
CA VAL A 312 6.32 8.29 -11.45
C VAL A 312 5.06 8.83 -12.05
N PRO A 313 4.74 10.10 -11.76
CA PRO A 313 3.52 10.64 -12.38
C PRO A 313 3.63 10.66 -13.90
N LYS A 314 2.48 10.58 -14.57
CA LYS A 314 2.50 10.40 -16.01
C LYS A 314 3.21 11.55 -16.69
N GLU A 315 3.07 12.78 -16.16
CA GLU A 315 3.79 13.97 -16.62
C GLU A 315 5.29 13.80 -16.76
N LEU A 316 5.89 12.89 -15.97
CA LEU A 316 7.35 12.64 -15.97
C LEU A 316 7.83 11.30 -16.57
N ARG A 317 6.97 10.59 -17.29
CA ARG A 317 7.44 9.36 -17.96
C ARG A 317 8.49 9.66 -19.04
N MET B 9 -23.94 11.68 -29.95
CA MET B 9 -23.82 11.13 -28.59
C MET B 9 -22.38 11.23 -28.02
N GLN B 10 -22.25 11.88 -26.87
CA GLN B 10 -20.95 11.98 -26.21
C GLN B 10 -20.66 10.73 -25.35
N ILE B 11 -19.42 10.23 -25.46
CA ILE B 11 -18.98 9.04 -24.69
C ILE B 11 -17.96 9.54 -23.69
N LEU B 12 -18.20 9.30 -22.40
CA LEU B 12 -17.25 9.71 -21.36
C LEU B 12 -16.67 8.45 -20.73
N LEU B 13 -15.39 8.49 -20.35
CA LEU B 13 -14.76 7.35 -19.71
C LEU B 13 -14.36 7.77 -18.29
N ALA B 14 -14.74 6.98 -17.29
CA ALA B 14 -14.33 7.26 -15.89
C ALA B 14 -12.82 7.03 -15.72
N ASN B 15 -12.22 7.74 -14.76
CA ASN B 15 -10.81 7.57 -14.41
C ASN B 15 -10.67 7.74 -12.90
N PRO B 16 -10.16 6.72 -12.22
CA PRO B 16 -9.67 5.41 -12.77
C PRO B 16 -10.81 4.46 -13.16
N ARG B 17 -10.50 3.48 -13.98
CA ARG B 17 -11.41 2.34 -14.31
C ARG B 17 -10.50 1.13 -14.54
N GLY B 18 -11.09 -0.07 -14.51
CA GLY B 18 -10.42 -1.27 -14.98
C GLY B 18 -9.32 -1.69 -14.02
N PHE B 19 -8.37 -2.45 -14.56
CA PHE B 19 -7.43 -3.23 -13.70
C PHE B 19 -6.83 -2.42 -12.56
N CYS B 20 -6.87 -3.03 -11.38
CA CYS B 20 -6.08 -2.57 -10.25
C CYS B 20 -4.76 -3.35 -10.19
N ALA B 21 -3.94 -3.00 -9.18
CA ALA B 21 -2.58 -3.55 -9.12
C ALA B 21 -2.67 -5.05 -8.77
N GLY B 22 -3.63 -5.42 -7.91
CA GLY B 22 -3.73 -6.84 -7.45
C GLY B 22 -4.16 -7.76 -8.61
N VAL B 23 -5.08 -7.28 -9.44
CA VAL B 23 -5.60 -8.08 -10.58
C VAL B 23 -4.51 -8.19 -11.63
N ASP B 24 -3.82 -7.08 -11.93
CA ASP B 24 -2.72 -7.17 -12.92
C ASP B 24 -1.66 -8.21 -12.49
N ARG B 25 -1.28 -8.18 -11.20
CA ARG B 25 -0.33 -9.14 -10.67
C ARG B 25 -0.89 -10.59 -10.76
N ALA B 26 -2.18 -10.77 -10.43
CA ALA B 26 -2.75 -12.17 -10.37
C ALA B 26 -2.80 -12.79 -11.79
N ILE B 27 -3.20 -12.01 -12.78
CA ILE B 27 -3.27 -12.50 -14.15
C ILE B 27 -1.86 -12.78 -14.66
N SER B 28 -0.91 -11.88 -14.33
CA SER B 28 0.48 -12.10 -14.78
C SER B 28 1.06 -13.34 -14.15
N ILE B 29 0.64 -13.64 -12.91
CA ILE B 29 1.07 -14.85 -12.25
C ILE B 29 0.67 -16.06 -13.08
N VAL B 30 -0.61 -16.13 -13.48
CA VAL B 30 -1.07 -17.33 -14.27
C VAL B 30 -0.40 -17.32 -15.65
N GLU B 31 -0.33 -16.16 -16.34
CA GLU B 31 0.28 -16.11 -17.67
C GLU B 31 1.75 -16.53 -17.61
N ASN B 32 2.48 -16.02 -16.64
CA ASN B 32 3.91 -16.33 -16.58
C ASN B 32 4.15 -17.79 -16.18
N ALA B 33 3.31 -18.31 -15.27
CA ALA B 33 3.40 -19.74 -14.96
C ALA B 33 3.23 -20.60 -16.23
N LEU B 34 2.22 -20.28 -17.03
CA LEU B 34 2.01 -20.96 -18.31
C LEU B 34 3.22 -20.83 -19.22
N ALA B 35 3.78 -19.62 -19.34
CA ALA B 35 4.99 -19.37 -20.16
C ALA B 35 6.20 -20.17 -19.71
N ILE B 36 6.39 -20.34 -18.40
CA ILE B 36 7.62 -20.89 -17.86
C ILE B 36 7.50 -22.40 -17.80
N TYR B 37 6.35 -22.88 -17.33
CA TYR B 37 6.20 -24.32 -17.05
C TYR B 37 5.38 -25.06 -18.11
N GLY B 38 4.67 -24.31 -18.94
CA GLY B 38 3.75 -24.88 -19.90
C GLY B 38 2.41 -25.26 -19.32
N ALA B 39 1.46 -25.60 -20.20
CA ALA B 39 0.18 -26.10 -19.75
C ALA B 39 0.30 -27.58 -19.36
N PRO B 40 -0.55 -28.07 -18.41
CA PRO B 40 -1.57 -27.33 -17.63
C PRO B 40 -1.00 -26.59 -16.43
N ILE B 41 -1.64 -25.49 -16.03
CA ILE B 41 -1.41 -24.85 -14.72
C ILE B 41 -2.79 -24.86 -14.07
N TYR B 42 -2.89 -25.34 -12.83
CA TYR B 42 -4.17 -25.39 -12.13
C TYR B 42 -4.39 -24.14 -11.32
N VAL B 43 -5.61 -23.64 -11.33
CA VAL B 43 -5.95 -22.41 -10.56
C VAL B 43 -7.18 -22.74 -9.73
N ARG B 44 -7.07 -22.45 -8.45
CA ARG B 44 -8.20 -22.71 -7.53
C ARG B 44 -9.17 -21.55 -7.59
N HIS B 45 -10.32 -21.79 -8.24
CA HIS B 45 -11.40 -20.83 -8.47
C HIS B 45 -10.97 -19.78 -9.49
N GLU B 46 -11.94 -19.04 -10.03
CA GLU B 46 -11.63 -17.98 -11.01
C GLU B 46 -10.53 -17.05 -10.48
N VAL B 47 -9.48 -16.83 -11.27
CA VAL B 47 -8.29 -16.14 -10.70
C VAL B 47 -8.76 -14.72 -10.33
N VAL B 48 -9.62 -14.15 -11.19
CA VAL B 48 -10.37 -12.93 -10.84
C VAL B 48 -11.76 -13.13 -11.41
N HIS B 49 -12.75 -12.34 -10.93
CA HIS B 49 -14.12 -12.56 -11.36
C HIS B 49 -14.41 -11.91 -12.68
N ASN B 50 -13.79 -12.41 -13.73
CA ASN B 50 -14.07 -11.87 -15.03
C ASN B 50 -14.10 -12.99 -16.07
N ARG B 51 -15.23 -13.11 -16.75
CA ARG B 51 -15.45 -14.19 -17.68
C ARG B 51 -14.41 -14.18 -18.83
N TYR B 52 -14.13 -13.00 -19.40
CA TYR B 52 -13.18 -12.93 -20.51
C TYR B 52 -11.75 -13.34 -20.05
N VAL B 53 -11.33 -12.85 -18.86
CA VAL B 53 -9.98 -13.23 -18.38
C VAL B 53 -9.88 -14.74 -18.17
N VAL B 54 -10.91 -15.31 -17.53
CA VAL B 54 -10.90 -16.73 -17.22
C VAL B 54 -10.91 -17.56 -18.52
N ASP B 55 -11.81 -17.20 -19.43
CA ASP B 55 -11.88 -17.87 -20.76
C ASP B 55 -10.55 -17.81 -21.48
N SER B 56 -9.92 -16.64 -21.48
CA SER B 56 -8.65 -16.40 -22.15
C SER B 56 -7.55 -17.30 -21.56
N LEU B 57 -7.54 -17.42 -20.24
CA LEU B 57 -6.51 -18.22 -19.57
C LEU B 57 -6.80 -19.71 -19.78
N ARG B 58 -8.08 -20.09 -19.81
CA ARG B 58 -8.46 -21.47 -20.14
C ARG B 58 -7.95 -21.85 -21.54
N GLU B 59 -8.12 -20.96 -22.51
CA GLU B 59 -7.69 -21.23 -23.88
C GLU B 59 -6.16 -21.42 -23.97
N ARG B 60 -5.40 -20.84 -23.02
CA ARG B 60 -3.91 -21.00 -23.00
C ARG B 60 -3.48 -22.14 -22.13
N GLY B 61 -4.44 -22.84 -21.55
CA GLY B 61 -4.09 -24.06 -20.84
C GLY B 61 -4.23 -24.06 -19.34
N ALA B 62 -4.71 -22.94 -18.76
CA ALA B 62 -5.05 -22.98 -17.32
C ALA B 62 -6.32 -23.84 -17.10
N ILE B 63 -6.32 -24.65 -16.05
CA ILE B 63 -7.48 -25.44 -15.69
C ILE B 63 -7.98 -24.90 -14.34
N PHE B 64 -9.23 -24.43 -14.32
CA PHE B 64 -9.82 -23.87 -13.12
C PHE B 64 -10.59 -24.94 -12.39
N ILE B 65 -10.21 -25.13 -11.12
CA ILE B 65 -10.76 -26.24 -10.32
C ILE B 65 -11.40 -25.70 -9.03
N GLU B 66 -12.23 -26.52 -8.37
CA GLU B 66 -12.91 -26.05 -7.18
C GLU B 66 -12.18 -26.46 -5.92
N GLN B 67 -11.66 -27.69 -5.91
CA GLN B 67 -11.00 -28.23 -4.68
C GLN B 67 -9.60 -28.70 -5.03
N ILE B 68 -8.67 -28.56 -4.09
CA ILE B 68 -7.27 -28.87 -4.30
C ILE B 68 -7.14 -30.37 -4.56
N SER B 69 -8.09 -31.15 -4.05
CA SER B 69 -8.01 -32.60 -4.26
C SER B 69 -8.19 -32.95 -5.80
N GLU B 70 -8.64 -32.00 -6.62
CA GLU B 70 -8.79 -32.28 -8.07
C GLU B 70 -7.45 -32.14 -8.78
N VAL B 71 -6.45 -31.59 -8.09
CA VAL B 71 -5.13 -31.27 -8.69
C VAL B 71 -4.20 -32.45 -8.53
N PRO B 72 -3.58 -32.90 -9.63
CA PRO B 72 -2.67 -34.09 -9.55
C PRO B 72 -1.36 -33.77 -8.88
N ASP B 73 -0.74 -34.73 -8.22
CA ASP B 73 0.61 -34.53 -7.71
C ASP B 73 1.59 -34.06 -8.81
N GLY B 74 2.59 -33.29 -8.40
CA GLY B 74 3.60 -32.78 -9.33
C GLY B 74 3.12 -31.55 -10.08
N ALA B 75 1.86 -31.12 -9.88
CA ALA B 75 1.35 -29.92 -10.61
C ALA B 75 1.80 -28.59 -10.02
N ILE B 76 1.51 -27.54 -10.79
CA ILE B 76 1.55 -26.16 -10.36
C ILE B 76 0.11 -25.71 -10.04
N LEU B 77 -0.05 -25.12 -8.84
CA LEU B 77 -1.37 -24.66 -8.36
C LEU B 77 -1.27 -23.18 -8.01
N ILE B 78 -2.21 -22.41 -8.47
CA ILE B 78 -2.24 -20.93 -8.21
C ILE B 78 -3.48 -20.66 -7.32
N PHE B 79 -3.31 -19.97 -6.20
CA PHE B 79 -4.51 -19.48 -5.45
C PHE B 79 -5.01 -18.18 -6.08
N SER B 80 -6.33 -17.96 -6.15
CA SER B 80 -6.87 -16.74 -6.82
C SER B 80 -6.62 -15.48 -6.02
N ALA B 81 -6.93 -14.35 -6.65
CA ALA B 81 -6.56 -13.04 -6.10
C ALA B 81 -7.35 -12.80 -4.80
N HIS B 82 -8.50 -13.47 -4.71
CA HIS B 82 -9.44 -13.27 -3.58
C HIS B 82 -8.96 -13.84 -2.25
N GLY B 83 -7.95 -14.73 -2.30
CA GLY B 83 -7.37 -15.30 -1.08
C GLY B 83 -8.02 -16.61 -0.72
N VAL B 84 -7.36 -17.33 0.19
CA VAL B 84 -7.84 -18.65 0.65
C VAL B 84 -7.70 -18.77 2.13
N SER B 85 -8.48 -19.70 2.68
CA SER B 85 -8.44 -19.93 4.11
C SER B 85 -7.13 -20.62 4.53
N GLN B 86 -6.85 -20.59 5.83
CA GLN B 86 -5.71 -21.38 6.33
C GLN B 86 -5.88 -22.86 6.03
N ALA B 87 -7.10 -23.40 6.09
CA ALA B 87 -7.30 -24.82 5.81
C ALA B 87 -6.84 -25.14 4.39
N VAL B 88 -7.23 -24.30 3.44
CA VAL B 88 -6.85 -24.50 2.03
C VAL B 88 -5.34 -24.42 1.87
N ARG B 89 -4.75 -23.40 2.46
CA ARG B 89 -3.34 -23.18 2.40
C ARG B 89 -2.57 -24.38 2.98
N ASN B 90 -3.01 -24.89 4.13
CA ASN B 90 -2.30 -26.01 4.77
C ASN B 90 -2.43 -27.28 3.98
N GLU B 91 -3.61 -27.49 3.40
CA GLU B 91 -3.80 -28.66 2.56
C GLU B 91 -2.85 -28.67 1.34
N ALA B 92 -2.71 -27.52 0.68
CA ALA B 92 -1.84 -27.40 -0.48
C ALA B 92 -0.36 -27.65 -0.02
N LYS B 93 0.01 -27.07 1.13
CA LYS B 93 1.35 -27.27 1.75
C LYS B 93 1.70 -28.74 2.00
N SER B 94 0.72 -29.57 2.31
CA SER B 94 1.03 -30.95 2.64
C SER B 94 1.06 -31.86 1.40
N ARG B 95 0.60 -31.30 0.26
CA ARG B 95 0.59 -32.02 -1.02
C ARG B 95 1.92 -31.85 -1.77
N ASP B 96 2.23 -32.78 -2.65
CA ASP B 96 3.37 -32.64 -3.53
C ASP B 96 2.93 -31.73 -4.72
N LEU B 97 2.90 -30.41 -4.49
CA LEU B 97 2.46 -29.41 -5.46
C LEU B 97 3.36 -28.20 -5.35
N THR B 98 3.54 -27.49 -6.48
CA THR B 98 4.25 -26.21 -6.49
C THR B 98 3.16 -25.16 -6.44
N VAL B 99 3.13 -24.38 -5.37
CA VAL B 99 2.07 -23.37 -5.18
C VAL B 99 2.57 -21.96 -5.41
N PHE B 100 1.85 -21.17 -6.23
CA PHE B 100 2.03 -19.73 -6.29
C PHE B 100 0.77 -19.04 -5.79
N ASP B 101 0.95 -18.04 -4.96
CA ASP B 101 -0.17 -17.42 -4.29
C ASP B 101 -0.49 -16.07 -4.95
N ALA B 102 -1.57 -15.98 -5.71
CA ALA B 102 -1.88 -14.70 -6.37
C ALA B 102 -2.78 -13.84 -5.50
N THR B 103 -2.97 -14.21 -4.23
CA THR B 103 -3.80 -13.35 -3.32
C THR B 103 -3.32 -11.90 -3.39
N CYS B 104 -4.23 -10.97 -3.51
CA CYS B 104 -3.80 -9.58 -3.54
C CYS B 104 -3.13 -9.22 -2.17
N PRO B 105 -1.99 -8.52 -2.20
CA PRO B 105 -1.39 -8.05 -0.96
C PRO B 105 -2.34 -7.31 -0.03
N LEU B 106 -3.34 -6.60 -0.59
CA LEU B 106 -4.29 -5.82 0.23
C LEU B 106 -5.34 -6.72 0.89
N VAL B 107 -5.49 -7.94 0.39
CA VAL B 107 -6.29 -9.00 1.07
C VAL B 107 -5.45 -9.65 2.14
N THR B 108 -4.18 -9.98 1.80
CA THR B 108 -3.27 -10.61 2.79
C THR B 108 -3.16 -9.70 4.02
N LYS B 109 -3.14 -8.37 3.83
CA LYS B 109 -3.02 -7.41 4.95
C LYS B 109 -4.19 -7.60 5.96
N VAL B 110 -5.42 -7.85 5.46
CA VAL B 110 -6.58 -8.05 6.34
C VAL B 110 -6.45 -9.44 6.98
N HIS B 111 -5.98 -10.43 6.23
CA HIS B 111 -5.77 -11.79 6.78
C HIS B 111 -4.85 -11.74 8.00
N MET B 112 -3.75 -10.96 7.92
CA MET B 112 -2.79 -10.89 9.02
C MET B 112 -3.44 -10.34 10.25
N GLU B 113 -4.34 -9.36 10.09
CA GLU B 113 -5.08 -8.79 11.24
C GLU B 113 -6.07 -9.75 11.88
N VAL B 114 -6.69 -10.61 11.05
CA VAL B 114 -7.55 -11.66 11.58
C VAL B 114 -6.73 -12.69 12.35
N ALA B 115 -5.58 -13.06 11.80
CA ALA B 115 -4.76 -14.11 12.44
C ALA B 115 -4.27 -13.62 13.79
N ARG B 116 -3.99 -12.32 13.86
CA ARG B 116 -3.53 -11.70 15.09
C ARG B 116 -4.65 -11.85 16.15
N ALA B 117 -5.84 -11.41 15.77
CA ALA B 117 -6.98 -11.50 16.67
C ALA B 117 -7.23 -12.96 17.12
N SER B 118 -7.10 -13.92 16.20
CA SER B 118 -7.29 -15.34 16.47
C SER B 118 -6.28 -15.90 17.56
N ARG B 119 -5.02 -15.47 17.43
CA ARG B 119 -3.92 -15.80 18.35
C ARG B 119 -4.25 -15.36 19.76
N ARG B 120 -4.54 -14.07 19.92
CA ARG B 120 -4.99 -13.46 21.18
C ARG B 120 -6.26 -14.10 21.76
N GLY B 121 -6.93 -14.96 20.98
CA GLY B 121 -8.23 -15.53 21.38
C GLY B 121 -9.46 -14.60 21.38
N GLU B 122 -9.35 -13.45 20.69
CA GLU B 122 -10.32 -12.37 20.84
C GLU B 122 -11.25 -12.28 19.63
N GLU B 123 -12.53 -11.95 19.86
CA GLU B 123 -13.55 -12.07 18.79
C GLU B 123 -13.37 -11.03 17.71
N SER B 124 -13.72 -11.41 16.48
CA SER B 124 -13.60 -10.49 15.35
C SER B 124 -14.88 -10.52 14.57
N ILE B 125 -15.21 -9.37 13.99
CA ILE B 125 -16.39 -9.20 13.13
C ILE B 125 -15.90 -8.77 11.75
N LEU B 126 -16.27 -9.53 10.72
CA LEU B 126 -15.95 -9.15 9.36
C LEU B 126 -17.18 -8.53 8.72
N ILE B 127 -17.02 -7.37 8.06
CA ILE B 127 -18.11 -6.84 7.26
C ILE B 127 -17.86 -7.35 5.85
N GLY B 128 -18.85 -8.04 5.27
CA GLY B 128 -18.64 -8.56 3.94
C GLY B 128 -19.83 -9.35 3.48
N HIS B 129 -19.76 -9.87 2.26
CA HIS B 129 -20.98 -10.49 1.71
C HIS B 129 -20.92 -11.98 1.82
N ALA B 130 -21.96 -12.59 2.41
CA ALA B 130 -21.97 -14.05 2.57
C ALA B 130 -21.73 -14.78 1.23
N GLY B 131 -20.88 -15.81 1.23
CA GLY B 131 -20.71 -16.63 0.03
C GLY B 131 -19.56 -16.13 -0.86
N HIS B 132 -19.12 -14.87 -0.66
CA HIS B 132 -17.98 -14.35 -1.45
C HIS B 132 -16.67 -15.08 -1.13
N PRO B 133 -15.85 -15.41 -2.15
CA PRO B 133 -14.62 -16.12 -1.84
C PRO B 133 -13.67 -15.33 -0.93
N GLU B 134 -13.63 -14.00 -1.00
CA GLU B 134 -12.72 -13.28 -0.12
C GLU B 134 -13.18 -13.42 1.36
N VAL B 135 -14.49 -13.44 1.56
CA VAL B 135 -15.06 -13.67 2.88
C VAL B 135 -14.70 -15.06 3.40
N GLU B 136 -14.85 -16.08 2.57
CA GLU B 136 -14.43 -17.43 2.99
C GLU B 136 -12.99 -17.44 3.40
N GLY B 137 -12.14 -16.79 2.57
CA GLY B 137 -10.67 -16.82 2.91
C GLY B 137 -10.32 -16.05 4.21
N THR B 138 -10.93 -14.87 4.37
CA THR B 138 -10.69 -14.08 5.56
C THR B 138 -11.28 -14.69 6.82
N MET B 139 -12.57 -15.12 6.80
CA MET B 139 -13.09 -15.86 7.96
C MET B 139 -12.20 -17.06 8.31
N GLY B 140 -11.64 -17.68 7.25
CA GLY B 140 -10.85 -18.89 7.33
C GLY B 140 -9.45 -18.62 7.88
N GLN B 141 -9.18 -17.37 8.28
CA GLN B 141 -7.92 -17.09 9.01
C GLN B 141 -8.12 -17.24 10.52
N TYR B 142 -9.35 -17.34 10.95
CA TYR B 142 -9.66 -17.38 12.39
C TYR B 142 -9.91 -18.84 12.80
N SER B 143 -9.13 -19.38 13.73
CA SER B 143 -9.33 -20.80 14.12
C SER B 143 -9.58 -20.97 15.61
N ASN B 144 -9.23 -19.95 16.41
CA ASN B 144 -9.27 -20.04 17.88
C ASN B 144 -10.69 -20.23 18.40
N PRO B 145 -11.00 -21.42 18.96
CA PRO B 145 -12.37 -21.54 19.45
C PRO B 145 -12.67 -20.78 20.76
N GLU B 146 -11.65 -20.28 21.47
CA GLU B 146 -11.91 -19.43 22.67
C GLU B 146 -12.70 -18.22 22.28
N GLY B 147 -12.43 -17.77 21.04
CA GLY B 147 -12.96 -16.55 20.50
C GLY B 147 -14.14 -16.83 19.61
N GLY B 148 -14.14 -16.20 18.45
CA GLY B 148 -15.24 -16.28 17.50
C GLY B 148 -15.04 -15.31 16.35
N MET B 149 -15.69 -15.59 15.22
CA MET B 149 -15.53 -14.81 14.00
C MET B 149 -16.91 -14.70 13.39
N TYR B 150 -17.46 -13.50 13.31
CA TYR B 150 -18.83 -13.30 12.94
C TYR B 150 -18.83 -12.49 11.65
N LEU B 151 -19.82 -12.72 10.80
CA LEU B 151 -19.99 -11.97 9.58
C LEU B 151 -21.22 -11.08 9.72
N VAL B 152 -21.10 -9.79 9.36
CA VAL B 152 -22.26 -8.90 9.32
C VAL B 152 -22.29 -8.20 7.95
N GLU B 153 -23.48 -7.95 7.40
CA GLU B 153 -23.58 -7.33 6.07
C GLU B 153 -24.28 -6.00 6.15
N SER B 154 -25.04 -5.79 7.23
CA SER B 154 -25.91 -4.60 7.30
C SER B 154 -25.91 -4.04 8.74
N PRO B 155 -26.41 -2.79 8.95
CA PRO B 155 -26.59 -2.37 10.35
C PRO B 155 -27.55 -3.29 11.11
N ASP B 156 -28.63 -3.78 10.47
CA ASP B 156 -29.48 -4.77 11.17
C ASP B 156 -28.74 -5.98 11.74
N ASP B 157 -27.78 -6.52 10.96
CA ASP B 157 -26.97 -7.67 11.40
C ASP B 157 -26.16 -7.30 12.67
N VAL B 158 -25.69 -6.05 12.75
CA VAL B 158 -24.95 -5.56 13.93
C VAL B 158 -25.91 -5.53 15.13
N TRP B 159 -27.14 -5.05 14.91
CA TRP B 159 -28.04 -4.93 16.07
C TRP B 159 -28.46 -6.25 16.63
N LYS B 160 -28.45 -7.31 15.81
CA LYS B 160 -28.99 -8.62 16.23
C LYS B 160 -27.85 -9.53 16.71
N LEU B 161 -26.59 -9.10 16.58
CA LEU B 161 -25.42 -9.94 16.85
C LEU B 161 -25.21 -10.15 18.36
N THR B 162 -25.00 -11.40 18.77
CA THR B 162 -24.58 -11.69 20.17
C THR B 162 -23.10 -12.09 20.12
N VAL B 163 -22.31 -11.48 21.00
CA VAL B 163 -20.88 -11.76 21.12
C VAL B 163 -20.57 -12.19 22.57
N LYS B 164 -19.50 -12.94 22.76
CA LYS B 164 -19.15 -13.43 24.10
C LYS B 164 -18.52 -12.40 25.03
N ASN B 165 -17.66 -11.53 24.49
CA ASN B 165 -16.97 -10.51 25.27
C ASN B 165 -16.79 -9.25 24.43
N GLU B 166 -17.68 -8.28 24.67
CA GLU B 166 -17.73 -7.01 23.99
C GLU B 166 -16.55 -6.10 24.30
N GLU B 167 -15.80 -6.44 25.34
CA GLU B 167 -14.63 -5.64 25.75
C GLU B 167 -13.41 -5.90 24.89
N LYS B 168 -13.35 -7.09 24.30
CA LYS B 168 -12.22 -7.49 23.46
C LYS B 168 -12.73 -7.89 22.08
N LEU B 169 -12.94 -6.89 21.25
CA LEU B 169 -13.62 -7.05 19.95
C LEU B 169 -12.86 -6.26 18.86
N SER B 170 -12.72 -6.85 17.68
CA SER B 170 -12.13 -6.12 16.55
C SER B 170 -13.00 -6.28 15.32
N PHE B 171 -12.90 -5.36 14.37
CA PHE B 171 -13.58 -5.60 13.09
C PHE B 171 -12.61 -5.45 11.89
N MET B 172 -12.99 -6.05 10.77
CA MET B 172 -12.24 -5.96 9.51
C MET B 172 -13.29 -5.91 8.41
N THR B 173 -12.88 -5.58 7.20
CA THR B 173 -13.87 -5.56 6.12
C THR B 173 -13.32 -6.30 4.87
N GLN B 174 -14.26 -6.77 4.06
CA GLN B 174 -13.95 -7.15 2.67
C GLN B 174 -13.45 -5.89 1.92
N THR B 175 -12.51 -6.11 1.00
CA THR B 175 -11.88 -4.98 0.28
C THR B 175 -12.72 -4.38 -0.83
N THR B 176 -13.76 -5.09 -1.33
CA THR B 176 -14.42 -4.65 -2.55
C THR B 176 -15.88 -4.31 -2.27
N LEU B 177 -16.11 -3.71 -1.12
CA LEU B 177 -17.47 -3.32 -0.75
C LEU B 177 -17.80 -1.87 -1.17
N SER B 178 -19.08 -1.50 -1.10
CA SER B 178 -19.49 -0.06 -1.14
C SER B 178 -18.92 0.72 -0.01
N VAL B 179 -18.22 1.80 -0.33
CA VAL B 179 -17.66 2.62 0.74
C VAL B 179 -18.78 3.15 1.61
N ASP B 180 -19.83 3.71 0.96
CA ASP B 180 -21.01 4.28 1.68
C ASP B 180 -21.74 3.29 2.59
N ASP B 181 -22.07 2.11 2.06
CA ASP B 181 -22.81 1.11 2.83
C ASP B 181 -22.00 0.60 3.99
N THR B 182 -20.71 0.47 3.76
CA THR B 182 -19.80 -0.09 4.80
C THR B 182 -19.67 0.94 5.93
N SER B 183 -19.68 2.23 5.55
CA SER B 183 -19.61 3.31 6.55
C SER B 183 -20.79 3.19 7.50
N ASP B 184 -21.98 2.89 6.94
CA ASP B 184 -23.19 2.69 7.82
C ASP B 184 -23.05 1.52 8.79
N VAL B 185 -22.41 0.45 8.34
CA VAL B 185 -22.30 -0.75 9.19
C VAL B 185 -21.27 -0.42 10.29
N ILE B 186 -20.23 0.30 9.92
CA ILE B 186 -19.19 0.64 10.89
C ILE B 186 -19.76 1.57 11.95
N ASP B 187 -20.60 2.52 11.53
CA ASP B 187 -21.25 3.44 12.50
C ASP B 187 -22.07 2.63 13.48
N ALA B 188 -22.79 1.65 12.96
CA ALA B 188 -23.54 0.72 13.80
C ALA B 188 -22.67 -0.07 14.76
N LEU B 189 -21.55 -0.64 14.30
CA LEU B 189 -20.63 -1.34 15.16
C LEU B 189 -20.15 -0.45 16.29
N ARG B 190 -19.81 0.82 16.00
CA ARG B 190 -19.14 1.61 17.05
C ARG B 190 -20.13 2.06 18.07
N LYS B 191 -21.37 2.25 17.66
CA LYS B 191 -22.45 2.60 18.60
C LYS B 191 -22.83 1.39 19.47
N ARG B 192 -22.82 0.21 18.86
CA ARG B 192 -23.28 -1.01 19.56
C ARG B 192 -22.18 -1.51 20.49
N PHE B 193 -20.93 -1.44 20.01
CA PHE B 193 -19.75 -1.93 20.74
C PHE B 193 -18.71 -0.82 20.87
N PRO B 194 -18.88 0.10 21.83
CA PRO B 194 -17.97 1.27 21.91
C PRO B 194 -16.49 0.92 22.07
N LYS B 195 -16.18 -0.27 22.59
CA LYS B 195 -14.78 -0.65 22.79
C LYS B 195 -14.17 -1.31 21.54
N ILE B 196 -14.95 -1.54 20.48
CA ILE B 196 -14.42 -2.24 19.31
C ILE B 196 -13.25 -1.50 18.67
N VAL B 197 -12.26 -2.27 18.23
CA VAL B 197 -11.07 -1.73 17.56
C VAL B 197 -11.06 -2.15 16.06
N GLY B 198 -10.71 -1.22 15.21
CA GLY B 198 -10.69 -1.48 13.79
C GLY B 198 -9.68 -0.60 13.14
N PRO B 199 -9.64 -0.60 11.79
CA PRO B 199 -8.79 0.37 11.06
C PRO B 199 -9.39 1.78 11.24
N ARG B 200 -8.73 2.83 10.76
CA ARG B 200 -9.27 4.21 10.92
C ARG B 200 -10.70 4.31 10.29
N LYS B 201 -10.85 3.74 9.10
CA LYS B 201 -12.14 3.82 8.38
C LYS B 201 -12.57 2.39 8.09
N ASP B 202 -11.90 1.75 7.14
CA ASP B 202 -12.31 0.39 6.75
C ASP B 202 -11.14 -0.28 6.07
N ASP B 203 -11.37 -1.50 5.57
CA ASP B 203 -10.28 -2.20 4.79
C ASP B 203 -10.54 -2.16 3.28
N ILE B 204 -11.49 -1.31 2.85
CA ILE B 204 -11.78 -1.16 1.41
C ILE B 204 -10.51 -0.63 0.73
N CYS B 205 -10.12 -1.25 -0.40
CA CYS B 205 -8.79 -0.96 -0.95
C CYS B 205 -8.88 0.33 -1.76
N TYR B 206 -7.71 0.87 -2.06
CA TYR B 206 -7.64 2.13 -2.85
C TYR B 206 -8.38 1.97 -4.17
N ALA B 207 -8.29 0.81 -4.81
CA ALA B 207 -8.80 0.67 -6.17
C ALA B 207 -10.34 0.77 -6.10
N THR B 208 -10.94 0.16 -5.06
CA THR B 208 -12.42 0.14 -4.94
C THR B 208 -12.89 1.55 -4.56
N THR B 209 -12.18 2.17 -3.64
CA THR B 209 -12.50 3.57 -3.26
C THR B 209 -12.41 4.49 -4.45
N ASN B 210 -11.33 4.38 -5.20
CA ASN B 210 -11.13 5.29 -6.34
C ASN B 210 -12.14 5.01 -7.46
N ARG B 211 -12.47 3.76 -7.77
CA ARG B 211 -13.44 3.52 -8.86
C ARG B 211 -14.82 4.00 -8.49
N GLN B 212 -15.18 3.88 -7.20
CA GLN B 212 -16.44 4.44 -6.74
C GLN B 212 -16.47 5.97 -6.84
N GLU B 213 -15.39 6.65 -6.43
CA GLU B 213 -15.33 8.10 -6.52
C GLU B 213 -15.40 8.52 -8.01
N ALA B 214 -14.71 7.77 -8.86
CA ALA B 214 -14.76 8.04 -10.31
C ALA B 214 -16.10 7.79 -10.93
N VAL B 215 -16.82 6.73 -10.53
CA VAL B 215 -18.10 6.54 -11.18
C VAL B 215 -19.11 7.59 -10.67
N ARG B 216 -18.91 8.09 -9.43
CA ARG B 216 -19.74 9.18 -8.92
C ARG B 216 -19.60 10.41 -9.83
N ALA B 217 -18.35 10.75 -10.13
CA ALA B 217 -18.10 11.87 -11.07
C ALA B 217 -18.71 11.62 -12.46
N LEU B 218 -18.51 10.42 -13.01
CA LEU B 218 -19.06 10.04 -14.31
C LEU B 218 -20.57 10.19 -14.35
N ALA B 219 -21.23 9.67 -13.31
CA ALA B 219 -22.71 9.70 -13.25
C ALA B 219 -23.28 11.13 -13.17
N GLU B 220 -22.54 12.06 -12.58
CA GLU B 220 -22.97 13.49 -12.53
C GLU B 220 -23.22 13.96 -13.97
N GLN B 221 -22.42 13.44 -14.89
CA GLN B 221 -22.42 13.93 -16.27
C GLN B 221 -23.23 13.08 -17.26
N ALA B 222 -23.31 11.77 -17.04
CA ALA B 222 -23.88 10.87 -18.04
C ALA B 222 -25.30 10.47 -17.67
N GLU B 223 -26.10 10.17 -18.69
CA GLU B 223 -27.49 9.71 -18.50
C GLU B 223 -27.53 8.21 -18.25
N VAL B 224 -26.61 7.48 -18.88
CA VAL B 224 -26.57 6.02 -18.86
C VAL B 224 -25.13 5.68 -18.53
N VAL B 225 -24.89 4.65 -17.71
CA VAL B 225 -23.55 4.27 -17.32
C VAL B 225 -23.45 2.79 -17.65
N LEU B 226 -22.46 2.44 -18.50
CA LEU B 226 -22.12 1.03 -18.75
C LEU B 226 -20.94 0.66 -17.87
N VAL B 227 -21.07 -0.43 -17.10
CA VAL B 227 -19.96 -0.88 -16.26
C VAL B 227 -19.52 -2.19 -16.86
N VAL B 228 -18.27 -2.27 -17.34
CA VAL B 228 -17.74 -3.55 -17.84
C VAL B 228 -17.33 -4.39 -16.66
N GLY B 229 -17.90 -5.60 -16.59
CA GLY B 229 -17.58 -6.56 -15.52
C GLY B 229 -18.58 -7.68 -15.46
N SER B 230 -18.18 -8.74 -14.76
CA SER B 230 -18.97 -9.94 -14.71
C SER B 230 -19.96 -9.92 -13.54
N LYS B 231 -20.96 -10.78 -13.62
CA LYS B 231 -22.05 -10.76 -12.65
C LYS B 231 -21.60 -11.11 -11.24
N ASN B 232 -20.50 -11.86 -11.11
CA ASN B 232 -20.05 -12.32 -9.80
C ASN B 232 -18.90 -11.47 -9.32
N SER B 233 -18.67 -10.34 -10.01
CA SER B 233 -17.67 -9.38 -9.49
C SER B 233 -18.32 -8.43 -8.50
N SER B 234 -17.94 -8.50 -7.24
CA SER B 234 -18.51 -7.61 -6.26
C SER B 234 -18.24 -6.12 -6.65
N ASN B 235 -16.96 -5.78 -6.91
CA ASN B 235 -16.62 -4.33 -7.05
C ASN B 235 -17.35 -3.81 -8.28
N SER B 236 -17.51 -4.65 -9.29
CA SER B 236 -18.13 -4.20 -10.56
C SER B 236 -19.61 -3.92 -10.29
N ASN B 237 -20.25 -4.81 -9.52
CA ASN B 237 -21.65 -4.54 -9.09
C ASN B 237 -21.77 -3.25 -8.27
N ARG B 238 -20.78 -2.97 -7.40
CA ARG B 238 -20.90 -1.78 -6.56
C ARG B 238 -20.85 -0.52 -7.49
N LEU B 239 -20.07 -0.58 -8.56
CA LEU B 239 -20.04 0.56 -9.50
C LEU B 239 -21.40 0.82 -10.16
N ALA B 240 -22.04 -0.25 -10.63
CA ALA B 240 -23.37 -0.13 -11.31
C ALA B 240 -24.39 0.37 -10.31
N GLU B 241 -24.39 -0.22 -9.12
CA GLU B 241 -25.33 0.21 -8.06
C GLU B 241 -25.19 1.70 -7.73
N LEU B 242 -23.96 2.19 -7.64
CA LEU B 242 -23.74 3.55 -7.17
C LEU B 242 -24.32 4.48 -8.25
N ALA B 243 -24.10 4.15 -9.52
CA ALA B 243 -24.63 5.01 -10.57
C ALA B 243 -26.13 5.03 -10.56
N GLN B 244 -26.73 3.85 -10.38
CA GLN B 244 -28.17 3.71 -10.31
C GLN B 244 -28.74 4.49 -9.11
N ARG B 245 -28.09 4.40 -7.93
CA ARG B 245 -28.52 5.14 -6.72
C ARG B 245 -28.47 6.67 -6.93
N MET B 246 -27.65 7.10 -7.88
CA MET B 246 -27.59 8.52 -8.32
C MET B 246 -28.66 8.91 -9.35
N GLY B 247 -29.54 7.96 -9.68
CA GLY B 247 -30.65 8.20 -10.63
C GLY B 247 -30.29 8.06 -12.11
N LYS B 248 -29.18 7.41 -12.42
CA LYS B 248 -28.82 7.20 -13.82
C LYS B 248 -29.18 5.75 -14.18
N ARG B 249 -29.42 5.48 -15.45
CA ARG B 249 -29.70 4.12 -15.88
C ARG B 249 -28.35 3.41 -16.03
N ALA B 250 -28.16 2.31 -15.30
CA ALA B 250 -26.80 1.69 -15.24
C ALA B 250 -26.93 0.23 -15.63
N PHE B 251 -25.94 -0.29 -16.38
CA PHE B 251 -25.93 -1.66 -16.83
C PHE B 251 -24.57 -2.28 -16.58
N LEU B 252 -24.55 -3.50 -16.03
CA LEU B 252 -23.34 -4.29 -15.90
C LEU B 252 -23.30 -5.18 -17.11
N ILE B 253 -22.23 -5.08 -17.90
CA ILE B 253 -22.07 -5.87 -19.08
C ILE B 253 -20.74 -6.55 -19.12
N ASP B 254 -20.70 -7.78 -19.67
CA ASP B 254 -19.41 -8.48 -19.84
C ASP B 254 -18.62 -7.99 -20.99
N ASP B 255 -19.31 -7.57 -22.04
CA ASP B 255 -18.65 -7.06 -23.25
C ASP B 255 -19.59 -6.34 -24.16
N ALA B 256 -19.03 -5.80 -25.23
CA ALA B 256 -19.76 -4.97 -26.17
C ALA B 256 -20.98 -5.69 -26.75
N LYS B 257 -20.89 -7.01 -26.89
CA LYS B 257 -22.01 -7.83 -27.43
C LYS B 257 -23.30 -7.73 -26.61
N ASP B 258 -23.19 -7.45 -25.32
CA ASP B 258 -24.34 -7.30 -24.42
C ASP B 258 -25.19 -6.02 -24.59
N ILE B 259 -24.58 -4.99 -25.17
CA ILE B 259 -25.23 -3.69 -25.32
C ILE B 259 -26.45 -3.79 -26.28
N GLN B 260 -27.61 -3.35 -25.79
CA GLN B 260 -28.84 -3.29 -26.55
C GLN B 260 -28.98 -1.89 -27.11
N GLU B 261 -29.22 -1.77 -28.40
CA GLU B 261 -29.45 -0.41 -28.94
C GLU B 261 -30.54 0.40 -28.20
N GLU B 262 -31.61 -0.28 -27.74
CA GLU B 262 -32.66 0.31 -26.89
C GLU B 262 -32.06 1.15 -25.73
N TRP B 263 -30.98 0.65 -25.10
CA TRP B 263 -30.37 1.33 -23.95
C TRP B 263 -29.90 2.72 -24.20
N VAL B 264 -29.45 2.98 -25.43
CA VAL B 264 -28.77 4.24 -25.75
C VAL B 264 -29.49 5.13 -26.76
N LYS B 265 -30.65 4.69 -27.24
CA LYS B 265 -31.37 5.46 -28.25
C LYS B 265 -31.72 6.84 -27.69
N GLU B 266 -31.32 7.88 -28.44
CA GLU B 266 -31.57 9.29 -28.10
C GLU B 266 -30.88 9.82 -26.83
N VAL B 267 -29.91 9.09 -26.35
CA VAL B 267 -29.14 9.46 -25.15
C VAL B 267 -28.05 10.44 -25.59
N LYS B 268 -27.96 11.60 -24.94
CA LYS B 268 -26.98 12.63 -25.33
C LYS B 268 -25.58 12.32 -24.75
N CYS B 269 -25.57 11.58 -23.64
CA CYS B 269 -24.33 11.36 -22.96
C CYS B 269 -24.28 9.99 -22.26
N VAL B 270 -23.34 9.15 -22.70
CA VAL B 270 -23.15 7.80 -22.12
C VAL B 270 -21.76 7.69 -21.47
N GLY B 271 -21.70 7.15 -20.26
CA GLY B 271 -20.44 6.99 -19.54
C GLY B 271 -20.11 5.52 -19.48
N VAL B 272 -18.82 5.23 -19.54
CA VAL B 272 -18.32 3.85 -19.49
C VAL B 272 -17.32 3.78 -18.38
N THR B 273 -17.45 2.77 -17.54
CA THR B 273 -16.35 2.48 -16.63
C THR B 273 -16.15 0.94 -16.66
N ALA B 274 -15.30 0.45 -15.77
CA ALA B 274 -14.95 -0.96 -15.77
C ALA B 274 -14.53 -1.29 -14.34
N GLY B 275 -14.94 -2.46 -13.87
CA GLY B 275 -14.52 -2.98 -12.57
C GLY B 275 -13.05 -3.35 -12.57
N ALA B 276 -12.52 -3.59 -11.40
CA ALA B 276 -11.07 -3.81 -11.25
C ALA B 276 -10.57 -5.09 -11.95
N SER B 277 -11.50 -5.98 -12.28
CA SER B 277 -11.12 -7.27 -12.87
C SER B 277 -11.37 -7.29 -14.40
N ALA B 278 -11.74 -6.14 -14.99
CA ALA B 278 -12.09 -6.15 -16.42
C ALA B 278 -10.96 -5.58 -17.27
N PRO B 279 -10.50 -6.32 -18.27
CA PRO B 279 -9.37 -5.83 -19.12
C PRO B 279 -9.73 -4.65 -20.02
N ASP B 280 -8.74 -3.80 -20.29
CA ASP B 280 -8.99 -2.56 -21.08
C ASP B 280 -9.51 -2.85 -22.49
N ILE B 281 -9.11 -3.96 -23.09
CA ILE B 281 -9.56 -4.23 -24.47
C ILE B 281 -11.08 -4.34 -24.51
N LEU B 282 -11.69 -4.86 -23.45
CA LEU B 282 -13.17 -4.92 -23.36
C LEU B 282 -13.78 -3.50 -23.40
N VAL B 283 -13.17 -2.56 -22.70
CA VAL B 283 -13.67 -1.14 -22.72
C VAL B 283 -13.47 -0.56 -24.15
N GLN B 284 -12.31 -0.80 -24.77
CA GLN B 284 -12.05 -0.31 -26.12
C GLN B 284 -13.13 -0.83 -27.05
N ASN B 285 -13.45 -2.12 -26.92
CA ASN B 285 -14.48 -2.71 -27.78
C ASN B 285 -15.91 -2.13 -27.49
N VAL B 286 -16.17 -1.82 -26.22
CA VAL B 286 -17.45 -1.19 -25.86
C VAL B 286 -17.52 0.18 -26.50
N VAL B 287 -16.43 0.94 -26.40
CA VAL B 287 -16.41 2.29 -26.97
C VAL B 287 -16.68 2.23 -28.50
N ALA B 288 -16.04 1.24 -29.16
CA ALA B 288 -16.25 1.04 -30.61
C ALA B 288 -17.69 0.73 -30.95
N ARG B 289 -18.33 -0.14 -30.16
CA ARG B 289 -19.75 -0.47 -30.33
C ARG B 289 -20.60 0.76 -30.10
N LEU B 290 -20.25 1.63 -29.14
CA LEU B 290 -21.05 2.86 -28.89
C LEU B 290 -20.85 3.85 -30.02
N GLN B 291 -19.71 3.75 -30.68
CA GLN B 291 -19.47 4.63 -31.82
C GLN B 291 -20.29 4.23 -33.04
N GLN B 292 -20.41 2.92 -33.27
CA GLN B 292 -21.35 2.37 -34.26
C GLN B 292 -22.76 2.86 -34.03
N LEU B 293 -23.08 3.05 -32.76
CA LEU B 293 -24.39 3.45 -32.37
C LEU B 293 -24.49 4.97 -32.23
N GLY B 294 -23.52 5.71 -32.78
CA GLY B 294 -23.65 7.17 -32.86
C GLY B 294 -22.79 8.01 -31.92
N GLY B 295 -21.93 7.37 -31.13
CA GLY B 295 -21.06 8.10 -30.22
C GLY B 295 -19.88 8.73 -30.96
N GLY B 296 -19.26 9.75 -30.37
CA GLY B 296 -18.08 10.38 -30.96
C GLY B 296 -16.79 9.88 -30.33
N GLU B 297 -15.76 10.70 -30.39
CA GLU B 297 -14.47 10.41 -29.73
C GLU B 297 -14.73 10.26 -28.24
N ALA B 298 -14.22 9.17 -27.65
CA ALA B 298 -14.45 8.89 -26.25
C ALA B 298 -13.57 9.84 -25.45
N ILE B 299 -14.17 10.59 -24.52
CA ILE B 299 -13.44 11.57 -23.71
C ILE B 299 -13.15 10.99 -22.32
N PRO B 300 -11.86 10.83 -21.96
CA PRO B 300 -11.59 10.43 -20.58
C PRO B 300 -11.80 11.61 -19.62
N LEU B 301 -12.51 11.37 -18.53
CA LEU B 301 -12.59 12.35 -17.48
C LEU B 301 -11.24 12.46 -16.71
N GLU B 302 -11.00 13.61 -16.11
CA GLU B 302 -9.83 13.81 -15.25
C GLU B 302 -10.08 13.03 -13.96
N GLY B 303 -9.05 12.45 -13.36
CA GLY B 303 -9.28 11.53 -12.24
C GLY B 303 -8.09 11.45 -11.33
N ARG B 304 -8.31 10.87 -10.17
CA ARG B 304 -7.26 10.64 -9.23
C ARG B 304 -6.24 9.73 -9.83
N GLU B 305 -4.97 10.07 -9.65
CA GLU B 305 -3.85 9.34 -10.18
C GLU B 305 -3.68 8.07 -9.38
N GLU B 306 -3.42 6.94 -10.06
CA GLU B 306 -3.05 5.68 -9.39
C GLU B 306 -1.60 5.38 -9.77
N ASN B 307 -0.80 4.97 -8.82
CA ASN B 307 0.63 4.73 -9.11
C ASN B 307 1.15 3.42 -8.53
N ILE B 308 0.26 2.64 -7.91
CA ILE B 308 0.70 1.40 -7.25
C ILE B 308 0.80 0.22 -8.25
N VAL B 309 1.90 -0.51 -8.18
CA VAL B 309 2.07 -1.71 -8.94
C VAL B 309 2.50 -2.81 -7.94
N PHE B 310 2.00 -4.03 -8.13
CA PHE B 310 2.50 -5.15 -7.30
C PHE B 310 3.18 -6.14 -8.23
N GLU B 311 4.46 -6.41 -8.00
CA GLU B 311 5.24 -7.31 -8.93
C GLU B 311 4.90 -8.76 -8.72
N VAL B 312 5.03 -9.59 -9.76
CA VAL B 312 4.91 -11.02 -9.60
C VAL B 312 6.09 -11.55 -8.78
N PRO B 313 5.93 -12.74 -8.15
CA PRO B 313 7.06 -13.32 -7.42
C PRO B 313 8.25 -13.42 -8.35
N LYS B 314 9.45 -13.30 -7.79
CA LYS B 314 10.69 -13.36 -8.61
C LYS B 314 10.85 -14.67 -9.40
N GLU B 315 10.35 -15.79 -8.86
CA GLU B 315 10.41 -17.09 -9.56
C GLU B 315 9.58 -17.04 -10.85
N LEU B 316 8.62 -16.12 -10.96
CA LEU B 316 7.77 -16.10 -12.13
C LEU B 316 8.12 -14.92 -13.08
N ARG B 317 9.29 -14.28 -12.90
CA ARG B 317 9.68 -13.21 -13.89
C ARG B 317 9.91 -13.76 -15.29
N VAL B 318 9.42 -13.06 -16.32
CA VAL B 318 9.61 -13.50 -17.73
C VAL B 318 10.44 -12.45 -18.45
FE1 SF4 C . 10.20 4.44 1.64
FE2 SF4 C . 7.82 5.67 1.60
FE3 SF4 C . 9.53 6.55 3.28
FE4 SF4 C . 8.55 4.13 3.66
S1 SF4 C . 7.37 6.09 3.79
S2 SF4 C . 10.71 4.56 3.83
S3 SF4 C . 8.13 3.43 1.48
S4 SF4 C . 9.88 6.55 0.99
O20 0CH D . 15.12 9.94 7.49
P17 0CH D . 14.17 8.93 6.81
O19 0CH D . 14.46 7.50 7.12
O18 0CH D . 12.71 9.32 7.12
O16 0CH D . 14.26 9.21 5.24
P13 0CH D . 15.26 8.52 4.22
O15 0CH D . 16.54 8.06 4.73
O14 0CH D . 15.35 9.54 3.04
O29 0CH D . 14.63 7.15 3.66
C28 0CH D . 13.48 7.15 2.76
C27 0CH D . 12.26 7.84 3.44
C30 0CH D . 11.67 8.99 2.57
C13 0CH D . 10.27 9.32 3.09
O33 0CH D . 9.93 8.36 4.05
FE1 SF4 E . -7.63 -5.11 -6.68
FE2 SF4 E . -6.42 -5.99 -4.46
FE3 SF4 E . -8.86 -6.71 -4.76
FE4 SF4 E . -8.37 -4.18 -4.33
S1 SF4 E . -8.03 -5.88 -2.83
S2 SF4 E . -9.79 -4.84 -5.99
S3 SF4 E . -6.28 -3.86 -5.29
S4 SF4 E . -7.14 -7.25 -6.23
O20 0CH F . -14.86 -7.54 -6.66
P17 0CH F . -14.57 -8.95 -6.28
O19 0CH F . -14.08 -9.01 -4.84
O18 0CH F . -15.79 -9.85 -6.55
O16 0CH F . -13.33 -9.56 -7.10
P13 0CH F . -12.97 -9.23 -8.62
O15 0CH F . -12.17 -10.46 -9.06
O14 0CH F . -14.02 -8.91 -9.52
O29 0CH F . -12.02 -7.97 -8.68
C28 0CH F . -10.67 -7.99 -8.15
C27 0CH F . -10.74 -8.40 -6.67
C30 0CH F . -9.63 -9.36 -6.25
C13 0CH F . -9.59 -9.62 -4.75
O33 0CH F . -9.78 -8.40 -4.02
#